data_2HI0
#
_entry.id   2HI0
#
_cell.length_a   58.636
_cell.length_b   38.695
_cell.length_c   103.583
_cell.angle_alpha   90.000
_cell.angle_beta   98.090
_cell.angle_gamma   90.000
#
_symmetry.space_group_name_H-M   'P 1 21 1'
#
loop_
_entity.id
_entity.type
_entity.pdbx_description
1 polymer 'Putative phosphoglycolate phosphatase'
2 non-polymer 'SODIUM ION'
3 non-polymer 'CHLORIDE ION'
4 non-polymer 'ACETATE ION'
5 non-polymer 1,2-ETHANEDIOL
6 water water
#
_entity_poly.entity_id   1
_entity_poly.type   'polypeptide(L)'
_entity_poly.pdbx_seq_one_letter_code
;G(MSE)KYKAAIFD(MSE)DGTILDTSADLTSALNYAFEQTGHRHDFTVEDIKNFFGSGVVVAVTRALAYEAGSSRESLV
AFGTKDEQIPEAVTQTEVNRVLEVFKPYYADHCQIKTGPFPGILDL(MSE)KNLRQKGVKLAVVSNKPNEAVQVLVEELF
PGSFDFALGEKSGIRRKPAPD(MSE)TSECVKVLGVPRDKCVYIGDSEIDIQTARNSE(MSE)DEIAVNWGFRSVPFLQK
HGATVIVDTAEKLEEAILGE
;
_entity_poly.pdbx_strand_id   A,B
#
loop_
_chem_comp.id
_chem_comp.type
_chem_comp.name
_chem_comp.formula
ACT non-polymer 'ACETATE ION' 'C2 H3 O2 -1'
CL non-polymer 'CHLORIDE ION' 'Cl -1'
EDO non-polymer 1,2-ETHANEDIOL 'C2 H6 O2'
NA non-polymer 'SODIUM ION' 'Na 1'
#
# COMPACT_ATOMS: atom_id res chain seq x y z
N GLY A 1 19.40 3.17 -4.80
CA GLY A 1 18.33 2.16 -4.60
C GLY A 1 17.37 2.06 -5.77
N MSE A 2 16.31 1.29 -5.56
CA MSE A 2 15.20 1.20 -6.51
C MSE A 2 13.92 1.41 -5.79
O MSE A 2 13.69 0.80 -4.73
CB MSE A 2 15.19 -0.18 -7.17
CG MSE A 2 16.46 -0.42 -7.95
SE MSE A 2 16.40 -2.16 -8.78
CE MSE A 2 14.84 -1.86 -9.81
N LYS A 3 13.04 2.24 -6.33
CA LYS A 3 11.76 2.42 -5.72
C LYS A 3 11.02 1.07 -5.68
N TYR A 4 10.96 0.38 -6.83
CA TYR A 4 10.31 -0.89 -6.95
C TYR A 4 11.23 -1.82 -7.73
N LYS A 5 11.45 -3.01 -7.17
CA LYS A 5 12.20 -4.06 -7.85
C LYS A 5 11.28 -4.96 -8.71
N ALA A 6 9.97 -4.87 -8.52
CA ALA A 6 9.00 -5.64 -9.32
C ALA A 6 7.80 -4.79 -9.66
N ALA A 7 7.32 -4.88 -10.90
CA ALA A 7 6.10 -4.17 -11.37
C ALA A 7 5.19 -5.25 -11.89
N ILE A 8 4.01 -5.33 -11.26
CA ILE A 8 3.01 -6.36 -11.50
C ILE A 8 1.82 -5.64 -12.14
N PHE A 9 1.50 -6.04 -13.39
CA PHE A 9 0.50 -5.37 -14.20
C PHE A 9 -0.76 -6.23 -14.36
N ASP A 10 -1.89 -5.56 -14.28
CA ASP A 10 -3.15 -6.12 -14.87
C ASP A 10 -3.01 -6.12 -16.41
N MSE A 11 -3.82 -6.88 -17.11
CA MSE A 11 -3.76 -6.99 -18.56
C MSE A 11 -4.79 -6.06 -19.23
O MSE A 11 -4.38 -5.10 -19.93
CB MSE A 11 -3.96 -8.44 -19.00
CG MSE A 11 -4.05 -8.61 -20.48
SE MSE A 11 -3.77 -10.42 -21.01
CE MSE A 11 -1.85 -10.60 -21.08
N ASP A 12 -6.09 -6.36 -19.03
CA ASP A 12 -7.18 -5.62 -19.70
C ASP A 12 -7.15 -4.14 -19.34
N GLY A 13 -7.12 -3.26 -20.34
CA GLY A 13 -7.20 -1.82 -20.05
C GLY A 13 -5.93 -1.21 -19.50
N THR A 14 -4.88 -2.01 -19.38
CA THR A 14 -3.66 -1.61 -18.73
C THR A 14 -2.52 -1.80 -19.70
N ILE A 15 -2.19 -3.05 -20.03
CA ILE A 15 -1.15 -3.28 -21.03
C ILE A 15 -1.67 -3.64 -22.44
N LEU A 16 -2.88 -4.22 -22.48
CA LEU A 16 -3.52 -4.66 -23.72
C LEU A 16 -4.88 -3.99 -23.91
N ASP A 17 -5.11 -3.52 -25.14
CA ASP A 17 -6.33 -2.87 -25.57
C ASP A 17 -7.28 -4.00 -26.03
N THR A 18 -8.09 -4.51 -25.10
CA THR A 18 -8.89 -5.74 -25.28
C THR A 18 -10.38 -5.54 -25.48
N SER A 19 -10.88 -4.30 -25.28
CA SER A 19 -12.34 -4.13 -25.19
C SER A 19 -13.08 -4.49 -26.47
N ALA A 20 -12.49 -4.25 -27.63
CA ALA A 20 -13.18 -4.62 -28.88
C ALA A 20 -13.39 -6.13 -28.99
N ASP A 21 -12.34 -6.93 -28.75
CA ASP A 21 -12.42 -8.38 -28.90
C ASP A 21 -13.33 -8.95 -27.82
N LEU A 22 -13.30 -8.35 -26.63
CA LEU A 22 -14.22 -8.80 -25.56
C LEU A 22 -15.70 -8.60 -25.94
N THR A 23 -15.95 -7.44 -26.57
CA THR A 23 -17.28 -7.03 -27.01
C THR A 23 -17.79 -7.99 -28.07
N SER A 24 -16.97 -8.25 -29.08
CA SER A 24 -17.34 -9.18 -30.14
CA SER A 24 -17.34 -9.18 -30.14
C SER A 24 -17.64 -10.57 -29.59
N ALA A 25 -16.80 -11.07 -28.69
CA ALA A 25 -16.96 -12.40 -28.12
C ALA A 25 -18.20 -12.46 -27.22
N LEU A 26 -18.44 -11.43 -26.41
CA LEU A 26 -19.62 -11.38 -25.54
C LEU A 26 -20.89 -11.38 -26.39
N ASN A 27 -20.94 -10.54 -27.41
CA ASN A 27 -22.10 -10.48 -28.28
C ASN A 27 -22.34 -11.79 -29.01
N TYR A 28 -21.26 -12.43 -29.48
CA TYR A 28 -21.35 -13.79 -30.07
C TYR A 28 -22.02 -14.80 -29.13
N ALA A 29 -21.51 -14.88 -27.90
CA ALA A 29 -21.97 -15.81 -26.87
C ALA A 29 -23.44 -15.58 -26.53
N PHE A 30 -23.80 -14.32 -26.34
CA PHE A 30 -25.17 -13.89 -26.06
C PHE A 30 -26.09 -14.29 -27.20
N GLU A 31 -25.68 -13.97 -28.42
CA GLU A 31 -26.51 -14.33 -29.57
C GLU A 31 -26.73 -15.85 -29.66
N GLN A 32 -25.63 -16.62 -29.49
CA GLN A 32 -25.72 -18.07 -29.51
C GLN A 32 -26.65 -18.69 -28.47
N THR A 33 -26.87 -17.97 -27.38
CA THR A 33 -27.69 -18.45 -26.28
C THR A 33 -29.06 -17.71 -26.18
N GLY A 34 -29.42 -16.99 -27.23
CA GLY A 34 -30.76 -16.43 -27.34
C GLY A 34 -30.98 -15.09 -26.69
N HIS A 35 -29.91 -14.36 -26.38
CA HIS A 35 -29.99 -13.09 -25.66
C HIS A 35 -29.78 -11.93 -26.63
N ARG A 36 -30.10 -10.71 -26.20
CA ARG A 36 -29.73 -9.45 -26.86
CA ARG A 36 -29.77 -9.57 -27.03
C ARG A 36 -28.23 -9.49 -27.09
N HIS A 37 -27.75 -8.93 -28.20
CA HIS A 37 -26.35 -9.07 -28.55
C HIS A 37 -25.80 -7.85 -29.29
N ASP A 38 -26.14 -6.69 -28.77
CA ASP A 38 -25.70 -5.42 -29.33
C ASP A 38 -24.97 -4.59 -28.27
N PHE A 39 -24.22 -5.23 -27.38
CA PHE A 39 -23.41 -4.48 -26.40
C PHE A 39 -22.33 -3.68 -27.11
N THR A 40 -22.01 -2.53 -26.53
CA THR A 40 -21.00 -1.62 -27.04
C THR A 40 -19.71 -1.86 -26.26
N VAL A 41 -18.60 -1.34 -26.78
CA VAL A 41 -17.33 -1.35 -26.04
C VAL A 41 -17.46 -0.65 -24.68
N GLU A 42 -18.27 0.41 -24.61
N GLU A 42 -18.27 0.40 -24.61
CA GLU A 42 -18.45 1.09 -23.32
CA GLU A 42 -18.46 1.08 -23.33
C GLU A 42 -19.19 0.19 -22.33
C GLU A 42 -19.16 0.15 -22.33
N ASP A 43 -20.12 -0.64 -22.82
CA ASP A 43 -20.82 -1.58 -21.95
C ASP A 43 -19.78 -2.55 -21.38
N ILE A 44 -18.94 -3.07 -22.27
CA ILE A 44 -17.95 -4.07 -21.85
C ILE A 44 -17.01 -3.53 -20.76
N LYS A 45 -16.66 -2.25 -20.85
CA LYS A 45 -15.81 -1.61 -19.82
C LYS A 45 -16.46 -1.57 -18.45
N ASN A 46 -17.79 -1.67 -18.43
CA ASN A 46 -18.57 -1.79 -17.19
C ASN A 46 -18.76 -3.26 -16.74
N PHE A 47 -18.58 -4.20 -17.65
CA PHE A 47 -18.78 -5.61 -17.25
C PHE A 47 -17.55 -6.30 -16.73
N PHE A 48 -16.43 -6.04 -17.37
CA PHE A 48 -15.20 -6.79 -17.02
C PHE A 48 -14.41 -6.11 -15.87
N GLY A 49 -13.46 -6.83 -15.27
CA GLY A 49 -12.64 -6.37 -14.12
C GLY A 49 -12.61 -7.38 -12.98
N SER A 50 -13.72 -8.08 -12.84
CA SER A 50 -13.91 -9.00 -11.73
C SER A 50 -14.06 -10.45 -12.16
N GLY A 51 -13.55 -10.73 -13.35
CA GLY A 51 -13.63 -12.08 -13.92
C GLY A 51 -14.86 -12.31 -14.76
N VAL A 52 -14.81 -13.42 -15.48
CA VAL A 52 -15.84 -13.69 -16.45
C VAL A 52 -17.21 -14.02 -15.88
N VAL A 53 -17.26 -14.63 -14.73
CA VAL A 53 -18.56 -14.94 -14.06
C VAL A 53 -19.28 -13.63 -13.70
N VAL A 54 -18.56 -12.73 -13.04
CA VAL A 54 -19.16 -11.42 -12.72
C VAL A 54 -19.50 -10.63 -13.98
N ALA A 55 -18.65 -10.70 -14.99
CA ALA A 55 -18.87 -9.98 -16.26
C ALA A 55 -20.17 -10.44 -16.91
N VAL A 56 -20.39 -11.75 -17.01
CA VAL A 56 -21.63 -12.28 -17.64
C VAL A 56 -22.85 -12.00 -16.73
N THR A 57 -22.65 -12.07 -15.43
CA THR A 57 -23.76 -11.75 -14.50
C THR A 57 -24.20 -10.28 -14.70
N ARG A 58 -23.23 -9.36 -14.74
CA ARG A 58 -23.46 -7.95 -15.05
C ARG A 58 -24.16 -7.77 -16.40
N ALA A 59 -23.68 -8.47 -17.41
CA ALA A 59 -24.24 -8.31 -18.78
C ALA A 59 -25.69 -8.78 -18.84
N LEU A 60 -25.99 -9.88 -18.18
CA LEU A 60 -27.36 -10.39 -18.11
C LEU A 60 -28.26 -9.42 -17.34
N ALA A 61 -27.74 -8.83 -16.26
CA ALA A 61 -28.53 -7.86 -15.48
C ALA A 61 -28.80 -6.61 -16.31
N TYR A 62 -27.78 -6.17 -17.05
CA TYR A 62 -27.93 -5.01 -17.91
C TYR A 62 -28.96 -5.30 -19.00
N GLU A 63 -28.92 -6.48 -19.61
CA GLU A 63 -29.95 -6.86 -20.59
C GLU A 63 -31.36 -6.77 -19.94
N ALA A 64 -31.45 -7.15 -18.66
CA ALA A 64 -32.73 -7.18 -17.92
C ALA A 64 -33.19 -5.80 -17.42
N GLY A 65 -32.35 -4.77 -17.56
CA GLY A 65 -32.72 -3.39 -17.28
C GLY A 65 -31.98 -2.72 -16.14
N SER A 66 -30.99 -3.39 -15.58
CA SER A 66 -30.17 -2.83 -14.49
C SER A 66 -29.36 -1.61 -14.95
N SER A 67 -29.22 -0.64 -14.05
CA SER A 67 -28.40 0.53 -14.27
C SER A 67 -26.91 0.19 -14.28
N ARG A 68 -26.12 1.02 -14.94
CA ARG A 68 -24.66 0.83 -14.88
C ARG A 68 -24.15 0.93 -13.47
N GLU A 69 -24.69 1.88 -12.69
CA GLU A 69 -24.30 2.07 -11.29
CA GLU A 69 -24.19 2.05 -11.34
C GLU A 69 -24.42 0.79 -10.49
N SER A 70 -25.54 0.09 -10.71
CA SER A 70 -25.88 -1.08 -9.91
C SER A 70 -24.92 -2.21 -10.17
N LEU A 71 -24.25 -2.20 -11.32
CA LEU A 71 -23.36 -3.29 -11.66
C LEU A 71 -22.05 -3.27 -10.84
N VAL A 72 -21.65 -2.12 -10.33
CA VAL A 72 -20.33 -1.99 -9.70
C VAL A 72 -20.17 -2.99 -8.54
N ALA A 73 -21.21 -3.14 -7.73
CA ALA A 73 -21.19 -3.99 -6.52
C ALA A 73 -21.30 -5.51 -6.83
N PHE A 74 -21.64 -5.87 -8.07
CA PHE A 74 -21.60 -7.27 -8.42
C PHE A 74 -20.25 -7.87 -8.13
N GLY A 75 -20.27 -9.04 -7.52
CA GLY A 75 -19.03 -9.71 -7.17
C GLY A 75 -18.59 -9.40 -5.74
N THR A 76 -19.31 -8.51 -5.05
CA THR A 76 -19.03 -8.10 -3.66
C THR A 76 -20.19 -8.51 -2.73
N LYS A 77 -19.93 -8.44 -1.43
CA LYS A 77 -20.96 -8.72 -0.42
C LYS A 77 -22.18 -7.84 -0.54
N ASP A 78 -22.06 -6.69 -1.19
CA ASP A 78 -23.16 -5.76 -1.31
C ASP A 78 -23.90 -5.91 -2.64
N GLU A 79 -23.59 -6.94 -3.41
CA GLU A 79 -24.27 -7.07 -4.71
C GLU A 79 -25.80 -7.20 -4.60
N GLN A 80 -26.50 -6.54 -5.52
CA GLN A 80 -27.96 -6.62 -5.66
C GLN A 80 -28.27 -7.23 -7.01
N ILE A 81 -28.17 -8.55 -7.11
CA ILE A 81 -28.37 -9.22 -8.40
C ILE A 81 -29.89 -9.40 -8.66
N PRO A 82 -30.40 -8.91 -9.80
CA PRO A 82 -31.82 -9.05 -10.10
C PRO A 82 -32.26 -10.50 -10.14
N GLU A 83 -33.50 -10.74 -9.74
CA GLU A 83 -34.08 -12.05 -9.76
C GLU A 83 -34.15 -12.67 -11.13
N ALA A 84 -34.04 -11.87 -12.18
CA ALA A 84 -33.99 -12.38 -13.56
C ALA A 84 -32.71 -13.14 -13.91
N VAL A 85 -31.64 -12.90 -13.14
CA VAL A 85 -30.32 -13.41 -13.48
C VAL A 85 -29.98 -14.61 -12.59
N THR A 86 -29.65 -15.73 -13.23
CA THR A 86 -29.23 -16.93 -12.50
C THR A 86 -27.81 -17.37 -12.88
N GLN A 87 -27.11 -17.96 -11.93
CA GLN A 87 -25.81 -18.57 -12.25
C GLN A 87 -25.86 -19.74 -13.24
N THR A 88 -26.98 -20.44 -13.28
CA THR A 88 -27.15 -21.45 -14.29
C THR A 88 -27.11 -20.83 -15.68
N GLU A 89 -27.80 -19.72 -15.87
CA GLU A 89 -27.71 -19.05 -17.16
C GLU A 89 -26.32 -18.46 -17.43
N VAL A 90 -25.69 -17.88 -16.41
CA VAL A 90 -24.30 -17.41 -16.52
C VAL A 90 -23.39 -18.54 -17.09
N ASN A 91 -23.48 -19.72 -16.48
CA ASN A 91 -22.63 -20.86 -16.84
C ASN A 91 -22.94 -21.30 -18.27
N ARG A 92 -24.19 -21.16 -18.68
CA ARG A 92 -24.59 -21.60 -20.05
C ARG A 92 -23.98 -20.64 -21.07
N VAL A 93 -24.01 -19.35 -20.77
CA VAL A 93 -23.39 -18.34 -21.65
C VAL A 93 -21.85 -18.54 -21.66
N LEU A 94 -21.26 -18.76 -20.48
CA LEU A 94 -19.79 -18.93 -20.39
C LEU A 94 -19.30 -20.13 -21.17
N GLU A 95 -20.15 -21.15 -21.30
CA GLU A 95 -19.78 -22.35 -22.05
C GLU A 95 -19.42 -22.01 -23.51
N VAL A 96 -20.08 -21.01 -24.07
CA VAL A 96 -19.79 -20.48 -25.39
C VAL A 96 -18.71 -19.42 -25.33
N PHE A 97 -18.85 -18.46 -24.42
CA PHE A 97 -17.93 -17.33 -24.36
C PHE A 97 -16.44 -17.70 -24.13
N LYS A 98 -16.18 -18.57 -23.15
CA LYS A 98 -14.78 -18.82 -22.78
C LYS A 98 -13.94 -19.37 -23.95
N PRO A 99 -14.39 -20.44 -24.59
CA PRO A 99 -13.62 -20.95 -25.72
C PRO A 99 -13.63 -20.01 -26.93
N TYR A 100 -14.76 -19.35 -27.16
CA TYR A 100 -14.81 -18.42 -28.29
C TYR A 100 -13.80 -17.30 -28.11
N TYR A 101 -13.85 -16.67 -26.95
CA TYR A 101 -12.91 -15.61 -26.64
C TYR A 101 -11.43 -16.08 -26.75
N ALA A 102 -11.10 -17.20 -26.11
CA ALA A 102 -9.78 -17.77 -26.21
C ALA A 102 -9.27 -17.90 -27.67
N ASP A 103 -10.16 -18.31 -28.57
CA ASP A 103 -9.80 -18.48 -29.98
C ASP A 103 -9.91 -17.19 -30.80
N HIS A 104 -10.43 -16.12 -30.20
CA HIS A 104 -10.60 -14.86 -30.91
C HIS A 104 -10.09 -13.66 -30.11
N CYS A 105 -9.08 -13.86 -29.28
CA CYS A 105 -8.65 -12.78 -28.39
C CYS A 105 -7.53 -11.93 -29.01
N GLN A 106 -7.16 -12.16 -30.28
CA GLN A 106 -6.05 -11.43 -30.89
C GLN A 106 -6.39 -10.94 -32.28
N ILE A 107 -7.57 -10.39 -32.44
CA ILE A 107 -8.03 -9.88 -33.73
C ILE A 107 -7.80 -8.36 -33.69
N LYS A 108 -8.56 -7.62 -32.90
CA LYS A 108 -8.34 -6.19 -32.70
C LYS A 108 -7.34 -5.89 -31.54
N THR A 109 -7.02 -6.90 -30.74
CA THR A 109 -6.23 -6.68 -29.52
C THR A 109 -4.75 -6.48 -29.83
N GLY A 110 -4.20 -5.40 -29.26
CA GLY A 110 -2.77 -5.12 -29.26
C GLY A 110 -2.37 -4.35 -28.02
N PRO A 111 -1.07 -4.07 -27.88
CA PRO A 111 -0.59 -3.27 -26.74
C PRO A 111 -1.08 -1.84 -26.91
N PHE A 112 -1.31 -1.14 -25.82
CA PHE A 112 -1.52 0.31 -25.92
C PHE A 112 -0.22 0.98 -26.39
N PRO A 113 -0.35 2.11 -27.08
CA PRO A 113 0.83 2.90 -27.48
C PRO A 113 1.80 3.14 -26.30
N GLY A 114 3.07 2.88 -26.53
CA GLY A 114 4.03 3.08 -25.47
C GLY A 114 4.36 1.92 -24.58
N ILE A 115 3.49 0.92 -24.52
CA ILE A 115 3.67 -0.21 -23.58
C ILE A 115 4.88 -1.12 -23.87
N LEU A 116 5.07 -1.47 -25.13
CA LEU A 116 6.28 -2.23 -25.55
C LEU A 116 7.58 -1.51 -25.16
N ASP A 117 7.63 -0.20 -25.36
CA ASP A 117 8.78 0.59 -24.96
C ASP A 117 8.95 0.58 -23.43
N LEU A 118 7.85 0.73 -22.71
CA LEU A 118 7.87 0.68 -21.25
C LEU A 118 8.52 -0.59 -20.75
N MSE A 119 8.07 -1.72 -21.28
CA MSE A 119 8.61 -3.03 -20.83
C MSE A 119 10.11 -3.19 -21.11
O MSE A 119 10.88 -3.66 -20.24
CB MSE A 119 7.79 -4.22 -21.38
CG MSE A 119 6.29 -4.17 -20.99
SE MSE A 119 5.92 -3.86 -19.10
CE MSE A 119 3.98 -3.70 -19.20
N LYS A 120 10.53 -2.78 -22.28
CA LYS A 120 11.93 -2.81 -22.65
C LYS A 120 12.75 -1.96 -21.69
N ASN A 121 12.24 -0.75 -21.41
CA ASN A 121 12.97 0.21 -20.60
C ASN A 121 13.04 -0.27 -19.16
N LEU A 122 11.93 -0.81 -18.64
CA LEU A 122 11.97 -1.27 -17.23
C LEU A 122 12.92 -2.45 -17.07
N ARG A 123 12.94 -3.39 -18.01
CA ARG A 123 13.82 -4.55 -17.90
C ARG A 123 15.26 -4.05 -17.96
N GLN A 124 15.53 -3.03 -18.77
CA GLN A 124 16.89 -2.46 -18.87
C GLN A 124 17.34 -1.85 -17.53
N LYS A 125 16.39 -1.34 -16.74
CA LYS A 125 16.66 -0.75 -15.43
C LYS A 125 16.62 -1.78 -14.31
N GLY A 126 16.44 -3.07 -14.65
CA GLY A 126 16.51 -4.19 -13.72
C GLY A 126 15.25 -4.47 -12.94
N VAL A 127 14.11 -3.96 -13.39
CA VAL A 127 12.82 -4.18 -12.71
C VAL A 127 12.27 -5.49 -13.23
N LYS A 128 11.84 -6.36 -12.31
CA LYS A 128 11.16 -7.61 -12.67
C LYS A 128 9.72 -7.30 -13.06
N LEU A 129 9.19 -7.97 -14.10
CA LEU A 129 7.89 -7.66 -14.65
C LEU A 129 6.99 -8.89 -14.61
N ALA A 130 5.74 -8.68 -14.23
CA ALA A 130 4.72 -9.76 -14.14
C ALA A 130 3.36 -9.25 -14.58
N VAL A 131 2.52 -10.20 -14.97
CA VAL A 131 1.10 -9.99 -15.28
C VAL A 131 0.29 -10.89 -14.35
N VAL A 132 -0.66 -10.27 -13.66
CA VAL A 132 -1.63 -10.99 -12.83
C VAL A 132 -2.99 -10.38 -13.17
N SER A 133 -3.86 -11.19 -13.76
CA SER A 133 -5.11 -10.72 -14.43
C SER A 133 -6.29 -11.64 -14.08
N ASN A 134 -7.49 -11.06 -14.06
CA ASN A 134 -8.74 -11.84 -13.91
C ASN A 134 -9.25 -12.38 -15.25
N LYS A 135 -8.52 -12.11 -16.34
CA LYS A 135 -8.78 -12.77 -17.63
C LYS A 135 -8.49 -14.26 -17.49
N PRO A 136 -9.33 -15.12 -18.05
CA PRO A 136 -8.97 -16.54 -17.90
C PRO A 136 -7.54 -16.84 -18.32
N ASN A 137 -6.87 -17.68 -17.53
CA ASN A 137 -5.47 -17.98 -17.75
C ASN A 137 -5.11 -18.44 -19.18
N GLU A 138 -5.94 -19.25 -19.80
CA GLU A 138 -5.65 -19.76 -21.14
C GLU A 138 -5.45 -18.61 -22.13
N ALA A 139 -6.28 -17.57 -22.01
CA ALA A 139 -6.22 -16.40 -22.90
C ALA A 139 -5.02 -15.50 -22.49
N VAL A 140 -4.76 -15.36 -21.19
CA VAL A 140 -3.60 -14.62 -20.74
C VAL A 140 -2.30 -15.21 -21.32
N GLN A 141 -2.14 -16.52 -21.19
CA GLN A 141 -0.92 -17.20 -21.68
C GLN A 141 -0.71 -17.02 -23.20
N VAL A 142 -1.77 -17.16 -24.00
CA VAL A 142 -1.68 -16.95 -25.44
C VAL A 142 -1.21 -15.52 -25.74
N LEU A 143 -1.81 -14.56 -25.08
CA LEU A 143 -1.53 -13.18 -25.37
C LEU A 143 -0.11 -12.76 -24.97
N VAL A 144 0.36 -13.25 -23.83
CA VAL A 144 1.68 -12.90 -23.38
C VAL A 144 2.69 -13.53 -24.34
N GLU A 145 2.44 -14.77 -24.75
CA GLU A 145 3.38 -15.47 -25.64
C GLU A 145 3.46 -14.81 -26.99
N GLU A 146 2.33 -14.33 -27.49
CA GLU A 146 2.28 -13.78 -28.83
C GLU A 146 2.68 -12.33 -28.88
N LEU A 147 2.27 -11.54 -27.89
CA LEU A 147 2.50 -10.09 -27.91
C LEU A 147 3.65 -9.63 -26.99
N PHE A 148 4.02 -10.43 -25.98
CA PHE A 148 5.12 -10.05 -25.08
C PHE A 148 6.10 -11.19 -24.79
N PRO A 149 6.59 -11.87 -25.83
CA PRO A 149 7.49 -13.00 -25.60
C PRO A 149 8.80 -12.57 -24.94
N GLY A 150 9.20 -13.30 -23.90
CA GLY A 150 10.40 -12.95 -23.14
C GLY A 150 10.38 -11.73 -22.22
N SER A 151 9.25 -11.03 -22.15
CA SER A 151 9.15 -9.78 -21.36
C SER A 151 8.93 -10.01 -19.87
N PHE A 152 8.11 -11.02 -19.55
CA PHE A 152 7.62 -11.20 -18.20
C PHE A 152 8.26 -12.36 -17.48
N ASP A 153 8.57 -12.14 -16.22
CA ASP A 153 9.12 -13.18 -15.39
C ASP A 153 8.03 -14.12 -14.88
N PHE A 154 6.76 -13.66 -14.96
CA PHE A 154 5.64 -14.38 -14.42
C PHE A 154 4.37 -13.86 -15.07
N ALA A 155 3.45 -14.75 -15.42
CA ALA A 155 2.18 -14.36 -15.99
C ALA A 155 1.14 -15.36 -15.53
N LEU A 156 0.04 -14.86 -14.99
CA LEU A 156 -1.04 -15.72 -14.50
C LEU A 156 -2.40 -15.04 -14.71
N GLY A 157 -3.36 -15.80 -15.26
CA GLY A 157 -4.75 -15.43 -15.26
C GLY A 157 -5.60 -16.30 -14.34
N GLU A 158 -6.90 -16.06 -14.35
CA GLU A 158 -7.84 -16.73 -13.49
C GLU A 158 -7.99 -18.21 -13.88
N LYS A 159 -8.07 -19.05 -12.85
CA LYS A 159 -8.20 -20.50 -12.99
C LYS A 159 -9.22 -20.95 -11.97
N SER A 160 -10.05 -21.90 -12.38
CA SER A 160 -10.94 -22.61 -11.49
C SER A 160 -10.22 -23.16 -10.28
N GLY A 161 -10.78 -22.90 -9.11
CA GLY A 161 -10.23 -23.44 -7.88
C GLY A 161 -9.22 -22.55 -7.17
N ILE A 162 -8.88 -21.42 -7.80
CA ILE A 162 -8.01 -20.43 -7.19
C ILE A 162 -8.73 -19.08 -7.19
N ARG A 163 -8.77 -18.42 -6.04
CA ARG A 163 -9.53 -17.16 -5.95
C ARG A 163 -9.03 -16.06 -6.92
N ARG A 164 -10.02 -15.36 -7.52
CA ARG A 164 -9.75 -14.25 -8.38
C ARG A 164 -9.32 -13.04 -7.57
N LYS A 165 -8.77 -12.07 -8.27
CA LYS A 165 -8.51 -10.74 -7.69
C LYS A 165 -9.91 -10.21 -7.31
N PRO A 166 -10.01 -9.47 -6.21
CA PRO A 166 -8.94 -8.92 -5.37
C PRO A 166 -8.48 -9.76 -4.18
N ALA A 167 -8.80 -11.08 -4.14
CA ALA A 167 -8.14 -11.95 -3.15
C ALA A 167 -6.65 -11.88 -3.43
N PRO A 168 -5.83 -12.05 -2.38
CA PRO A 168 -4.38 -11.94 -2.62
C PRO A 168 -3.72 -13.15 -3.29
N ASP A 169 -4.45 -14.25 -3.48
CA ASP A 169 -3.80 -15.49 -3.79
C ASP A 169 -2.94 -15.44 -5.06
N MSE A 170 -3.48 -14.89 -6.14
CA MSE A 170 -2.73 -14.92 -7.42
C MSE A 170 -1.48 -14.05 -7.34
O MSE A 170 -0.43 -14.40 -7.84
CB MSE A 170 -3.61 -14.50 -8.58
CG MSE A 170 -4.90 -15.36 -8.71
SE MSE A 170 -6.14 -14.60 -10.02
CE MSE A 170 -5.10 -15.14 -11.31
N THR A 171 -1.59 -12.88 -6.72
N THR A 171 -1.62 -12.88 -6.71
CA THR A 171 -0.45 -11.99 -6.55
CA THR A 171 -0.48 -11.97 -6.52
C THR A 171 0.59 -12.60 -5.57
C THR A 171 0.57 -12.61 -5.60
N SER A 172 0.12 -13.39 -4.60
CA SER A 172 1.03 -14.08 -3.69
C SER A 172 1.84 -15.16 -4.47
N GLU A 173 1.20 -15.83 -5.44
N GLU A 173 1.21 -15.83 -5.42
CA GLU A 173 1.87 -16.75 -6.39
CA GLU A 173 1.97 -16.73 -6.27
C GLU A 173 2.99 -16.05 -7.19
C GLU A 173 3.07 -15.96 -7.05
N CYS A 174 2.70 -14.82 -7.62
CA CYS A 174 3.67 -13.98 -8.30
C CYS A 174 4.86 -13.56 -7.39
N VAL A 175 4.52 -13.03 -6.21
CA VAL A 175 5.49 -12.60 -5.20
C VAL A 175 6.46 -13.73 -4.85
N LYS A 176 5.92 -14.93 -4.66
CA LYS A 176 6.70 -16.13 -4.39
C LYS A 176 7.70 -16.39 -5.51
N VAL A 177 7.25 -16.33 -6.76
CA VAL A 177 8.15 -16.64 -7.86
C VAL A 177 9.23 -15.52 -8.03
N LEU A 178 8.81 -14.27 -7.96
CA LEU A 178 9.74 -13.14 -8.19
C LEU A 178 10.74 -13.05 -7.06
N GLY A 179 10.35 -13.41 -5.84
CA GLY A 179 11.27 -13.33 -4.71
C GLY A 179 11.56 -11.92 -4.19
N VAL A 180 10.68 -10.97 -4.51
CA VAL A 180 10.84 -9.57 -4.12
C VAL A 180 9.92 -9.27 -2.93
N PRO A 181 10.44 -8.54 -1.91
CA PRO A 181 9.60 -8.17 -0.79
C PRO A 181 8.42 -7.31 -1.26
N ARG A 182 7.28 -7.48 -0.63
CA ARG A 182 6.06 -6.76 -1.02
C ARG A 182 6.21 -5.21 -0.98
N ASP A 183 7.09 -4.71 -0.13
CA ASP A 183 7.29 -3.26 -0.03
C ASP A 183 8.13 -2.72 -1.21
N LYS A 184 8.72 -3.61 -2.01
CA LYS A 184 9.45 -3.27 -3.23
C LYS A 184 8.69 -3.69 -4.47
N CYS A 185 7.40 -4.00 -4.31
CA CYS A 185 6.51 -4.31 -5.44
C CYS A 185 5.51 -3.16 -5.67
N VAL A 186 5.11 -2.94 -6.93
CA VAL A 186 3.99 -2.06 -7.22
C VAL A 186 3.03 -2.78 -8.19
N TYR A 187 1.75 -2.57 -7.97
CA TYR A 187 0.72 -3.16 -8.83
C TYR A 187 0.17 -2.03 -9.69
N ILE A 188 -0.05 -2.30 -10.95
CA ILE A 188 -0.47 -1.28 -11.94
C ILE A 188 -1.76 -1.77 -12.58
N GLY A 189 -2.81 -0.96 -12.53
CA GLY A 189 -4.07 -1.37 -13.18
C GLY A 189 -5.04 -0.23 -13.43
N ASP A 190 -6.17 -0.54 -14.07
CA ASP A 190 -7.11 0.48 -14.50
C ASP A 190 -8.45 0.50 -13.73
N SER A 191 -8.58 -0.32 -12.69
CA SER A 191 -9.86 -0.44 -12.02
C SER A 191 -9.76 -0.44 -10.50
N GLU A 192 -10.94 -0.40 -9.88
CA GLU A 192 -11.07 -0.54 -8.42
C GLU A 192 -10.60 -1.90 -7.91
N ILE A 193 -10.73 -2.94 -8.74
CA ILE A 193 -10.26 -4.29 -8.35
C ILE A 193 -8.75 -4.27 -8.19
N ASP A 194 -8.04 -3.51 -9.03
CA ASP A 194 -6.59 -3.35 -8.95
C ASP A 194 -6.16 -2.58 -7.68
N ILE A 195 -6.88 -1.49 -7.40
CA ILE A 195 -6.72 -0.77 -6.14
C ILE A 195 -6.83 -1.72 -4.94
N GLN A 196 -7.88 -2.53 -4.92
CA GLN A 196 -8.11 -3.47 -3.83
C GLN A 196 -7.07 -4.61 -3.75
N THR A 197 -6.72 -5.14 -4.91
CA THR A 197 -5.76 -6.22 -5.00
C THR A 197 -4.42 -5.76 -4.34
N ALA A 198 -3.97 -4.56 -4.69
CA ALA A 198 -2.72 -3.98 -4.13
C ALA A 198 -2.78 -3.89 -2.60
N ARG A 199 -3.86 -3.30 -2.10
CA ARG A 199 -4.00 -3.16 -0.63
C ARG A 199 -4.04 -4.51 0.08
N ASN A 200 -4.76 -5.46 -0.52
CA ASN A 200 -4.88 -6.81 0.00
C ASN A 200 -3.57 -7.61 -0.07
N SER A 201 -2.66 -7.14 -0.92
CA SER A 201 -1.35 -7.76 -1.09
C SER A 201 -0.23 -6.96 -0.44
N GLU A 202 -0.59 -5.95 0.34
CA GLU A 202 0.34 -5.16 1.12
C GLU A 202 1.41 -4.49 0.22
N MSE A 203 0.95 -3.98 -0.92
CA MSE A 203 1.84 -3.26 -1.84
C MSE A 203 1.19 -1.99 -2.41
O MSE A 203 -0.03 -1.79 -2.37
CB MSE A 203 2.28 -4.18 -2.95
CG MSE A 203 1.18 -4.57 -3.86
SE MSE A 203 1.84 -5.77 -5.26
CE MSE A 203 2.45 -7.23 -4.25
N ASP A 204 2.05 -1.08 -2.87
CA ASP A 204 1.63 0.14 -3.52
C ASP A 204 0.93 -0.15 -4.84
N GLU A 205 0.21 0.86 -5.32
CA GLU A 205 -0.56 0.77 -6.58
C GLU A 205 -0.47 2.06 -7.40
N ILE A 206 -0.37 1.89 -8.70
CA ILE A 206 -0.44 2.97 -9.66
C ILE A 206 -1.64 2.66 -10.56
N ALA A 207 -2.49 3.68 -10.76
CA ALA A 207 -3.66 3.57 -11.62
C ALA A 207 -3.41 4.25 -12.97
N VAL A 208 -3.91 3.66 -14.05
CA VAL A 208 -3.77 4.20 -15.40
C VAL A 208 -5.17 4.68 -15.84
N ASN A 209 -5.21 5.73 -16.66
CA ASN A 209 -6.50 6.33 -17.08
C ASN A 209 -6.96 5.88 -18.48
N TRP A 210 -6.20 4.97 -19.11
CA TRP A 210 -6.51 4.59 -20.49
C TRP A 210 -7.28 3.27 -20.54
N GLY A 211 -7.77 2.81 -19.40
CA GLY A 211 -8.49 1.56 -19.32
C GLY A 211 -10.00 1.68 -19.12
N PHE A 212 -10.57 0.77 -18.34
CA PHE A 212 -12.00 0.59 -18.31
C PHE A 212 -12.75 1.51 -17.34
N ARG A 213 -12.04 2.19 -16.40
CA ARG A 213 -12.69 3.11 -15.46
C ARG A 213 -12.19 4.54 -15.69
N SER A 214 -13.06 5.47 -15.40
CA SER A 214 -12.80 6.90 -15.51
C SER A 214 -11.96 7.41 -14.34
N VAL A 215 -11.39 8.59 -14.53
CA VAL A 215 -10.60 9.21 -13.48
C VAL A 215 -11.47 9.54 -12.25
N PRO A 216 -12.64 10.17 -12.46
CA PRO A 216 -13.47 10.40 -11.26
C PRO A 216 -13.87 9.12 -10.51
N PHE A 217 -14.09 8.04 -11.25
CA PHE A 217 -14.35 6.73 -10.62
C PHE A 217 -13.14 6.25 -9.84
N LEU A 218 -11.96 6.29 -10.46
CA LEU A 218 -10.78 5.82 -9.79
C LEU A 218 -10.49 6.59 -8.51
N GLN A 219 -10.64 7.90 -8.59
CA GLN A 219 -10.47 8.76 -7.42
C GLN A 219 -11.45 8.40 -6.31
N LYS A 220 -12.73 8.21 -6.66
CA LYS A 220 -13.76 7.82 -5.71
C LYS A 220 -13.41 6.51 -5.01
N HIS A 221 -12.76 5.61 -5.75
CA HIS A 221 -12.44 4.26 -5.27
C HIS A 221 -11.06 4.09 -4.68
N GLY A 222 -10.39 5.19 -4.40
CA GLY A 222 -9.13 5.15 -3.66
C GLY A 222 -7.78 5.18 -4.36
N ALA A 223 -7.77 5.51 -5.65
CA ALA A 223 -6.53 5.60 -6.38
C ALA A 223 -5.79 6.82 -5.87
N THR A 224 -4.48 6.72 -5.73
CA THR A 224 -3.69 7.86 -5.26
C THR A 224 -2.69 8.40 -6.28
N VAL A 225 -2.13 7.55 -7.11
CA VAL A 225 -1.28 7.94 -8.23
C VAL A 225 -2.00 7.49 -9.52
N ILE A 226 -2.34 8.46 -10.37
CA ILE A 226 -3.02 8.15 -11.62
C ILE A 226 -2.21 8.74 -12.75
N VAL A 227 -1.83 7.93 -13.73
CA VAL A 227 -0.97 8.39 -14.81
C VAL A 227 -1.76 8.29 -16.12
N ASP A 228 -1.38 9.10 -17.11
CA ASP A 228 -2.09 9.05 -18.40
C ASP A 228 -1.22 8.81 -19.65
N THR A 229 0.07 8.58 -19.46
CA THR A 229 0.89 8.05 -20.55
C THR A 229 1.79 6.94 -20.05
N ALA A 230 2.26 6.09 -20.97
CA ALA A 230 3.26 5.04 -20.67
C ALA A 230 4.58 5.66 -20.11
N GLU A 231 4.97 6.82 -20.62
CA GLU A 231 6.17 7.50 -20.13
C GLU A 231 6.00 7.91 -18.67
N LYS A 232 4.84 8.47 -18.33
CA LYS A 232 4.54 8.84 -16.95
C LYS A 232 4.46 7.63 -16.03
N LEU A 233 3.95 6.54 -16.56
CA LEU A 233 3.90 5.27 -15.83
C LEU A 233 5.31 4.78 -15.56
N GLU A 234 6.20 4.87 -16.55
CA GLU A 234 7.63 4.53 -16.33
C GLU A 234 8.24 5.39 -15.19
N GLU A 235 7.99 6.69 -15.25
CA GLU A 235 8.49 7.59 -14.21
C GLU A 235 7.94 7.24 -12.83
N ALA A 236 6.67 6.84 -12.77
CA ALA A 236 6.03 6.45 -11.50
C ALA A 236 6.67 5.17 -10.95
N ILE A 237 6.98 4.23 -11.84
CA ILE A 237 7.55 2.97 -11.38
C ILE A 237 9.00 3.20 -10.91
N LEU A 238 9.74 4.10 -11.59
CA LEU A 238 11.16 4.37 -11.29
C LEU A 238 11.34 5.41 -10.18
N GLY A 239 10.25 6.09 -9.83
CA GLY A 239 10.28 7.18 -8.85
C GLY A 239 10.97 8.43 -9.33
N GLU A 240 11.10 8.56 -10.65
CA GLU A 240 11.67 9.76 -11.25
C GLU A 240 10.53 10.79 -11.51
N MSE B 2 -7.38 29.50 15.84
CA MSE B 2 -8.37 28.59 16.48
C MSE B 2 -7.72 27.23 16.83
O MSE B 2 -6.88 26.68 16.06
CB MSE B 2 -9.60 28.36 15.56
N LYS B 3 -8.12 26.67 17.98
CA LYS B 3 -7.61 25.35 18.34
C LYS B 3 -7.93 24.29 17.23
N TYR B 4 -7.03 23.34 17.03
CA TYR B 4 -7.34 22.15 16.23
C TYR B 4 -8.37 21.34 17.03
N LYS B 5 -9.21 20.56 16.35
CA LYS B 5 -10.17 19.71 17.05
C LYS B 5 -9.69 18.29 17.34
N ALA B 6 -8.59 17.89 16.69
CA ALA B 6 -7.97 16.61 16.95
C ALA B 6 -6.46 16.76 16.82
N ALA B 7 -5.74 16.03 17.68
CA ALA B 7 -4.27 16.00 17.69
C ALA B 7 -3.87 14.51 17.64
N ILE B 8 -3.05 14.18 16.63
CA ILE B 8 -2.59 12.83 16.37
C ILE B 8 -1.07 12.80 16.54
N PHE B 9 -0.63 11.94 17.46
CA PHE B 9 0.76 11.90 17.86
C PHE B 9 1.48 10.61 17.38
N ASP B 10 2.71 10.72 16.90
CA ASP B 10 3.62 9.58 16.89
C ASP B 10 3.88 9.05 18.32
N MSE B 11 4.26 7.77 18.46
CA MSE B 11 4.56 7.17 19.76
CA MSE B 11 4.55 7.19 19.78
C MSE B 11 6.04 7.34 20.13
O MSE B 11 6.42 8.26 20.88
CB MSE B 11 4.13 5.68 19.77
CB MSE B 11 4.08 5.71 19.86
CG MSE B 11 4.45 4.91 21.02
CG MSE B 11 3.95 5.15 21.28
SE MSE B 11 3.06 3.62 21.39
SE MSE B 11 3.56 3.26 21.23
CE MSE B 11 1.64 4.77 22.01
CE MSE B 11 5.17 2.75 20.41
N ASP B 12 6.90 6.46 19.60
CA ASP B 12 8.33 6.54 19.99
C ASP B 12 8.93 7.92 19.68
N GLY B 13 9.60 8.51 20.65
CA GLY B 13 10.35 9.74 20.43
C GLY B 13 9.49 10.97 20.55
N THR B 14 8.18 10.78 20.64
CA THR B 14 7.23 11.87 20.71
C THR B 14 6.49 11.86 22.07
N ILE B 15 5.75 10.80 22.35
CA ILE B 15 5.16 10.61 23.65
C ILE B 15 5.90 9.59 24.55
N LEU B 16 6.60 8.63 23.94
CA LEU B 16 7.18 7.49 24.65
C LEU B 16 8.69 7.46 24.45
N ASP B 17 9.43 7.40 25.57
CA ASP B 17 10.89 7.42 25.59
C ASP B 17 11.33 5.98 25.53
N THR B 18 11.62 5.47 24.33
CA THR B 18 11.96 4.06 24.13
C THR B 18 13.42 3.71 23.79
N SER B 19 14.29 4.72 23.63
N SER B 19 14.28 4.71 23.62
CA SER B 19 15.62 4.50 23.03
CA SER B 19 15.60 4.49 23.06
C SER B 19 16.60 3.70 23.91
C SER B 19 16.45 3.54 23.90
N ALA B 20 16.41 3.68 25.23
CA ALA B 20 17.26 2.84 26.11
C ALA B 20 16.91 1.37 25.97
N ASP B 21 15.62 1.03 26.03
CA ASP B 21 15.28 -0.35 25.83
C ASP B 21 15.59 -0.84 24.39
N LEU B 22 15.33 -0.02 23.38
CA LEU B 22 15.66 -0.38 22.01
C LEU B 22 17.15 -0.68 21.87
N THR B 23 17.97 0.16 22.55
CA THR B 23 19.44 0.01 22.44
C THR B 23 19.89 -1.30 23.07
N SER B 24 19.40 -1.62 24.26
CA SER B 24 19.74 -2.87 24.93
CA SER B 24 19.70 -2.88 24.94
C SER B 24 19.31 -4.08 24.09
N ALA B 25 18.09 -4.04 23.56
CA ALA B 25 17.57 -5.14 22.78
C ALA B 25 18.35 -5.34 21.43
N LEU B 26 18.67 -4.24 20.76
CA LEU B 26 19.38 -4.31 19.49
C LEU B 26 20.82 -4.86 19.71
N ASN B 27 21.49 -4.38 20.76
CA ASN B 27 22.83 -4.92 21.12
C ASN B 27 22.76 -6.41 21.49
N TYR B 28 21.73 -6.83 22.22
CA TYR B 28 21.51 -8.22 22.56
C TYR B 28 21.37 -9.08 21.32
N ALA B 29 20.55 -8.62 20.39
CA ALA B 29 20.28 -9.33 19.14
C ALA B 29 21.52 -9.40 18.24
N PHE B 30 22.24 -8.29 18.13
CA PHE B 30 23.54 -8.25 17.39
C PHE B 30 24.55 -9.22 18.02
N GLU B 31 24.65 -9.19 19.35
CA GLU B 31 25.58 -10.11 20.03
C GLU B 31 25.27 -11.58 19.74
N GLN B 32 23.98 -11.92 19.83
CA GLN B 32 23.54 -13.27 19.60
C GLN B 32 23.80 -13.81 18.20
N THR B 33 23.97 -12.92 17.25
CA THR B 33 24.15 -13.28 15.84
C THR B 33 25.59 -12.93 15.40
N GLY B 34 26.48 -12.68 16.36
CA GLY B 34 27.89 -12.57 16.13
C GLY B 34 28.40 -11.23 15.62
N HIS B 35 27.63 -10.19 15.84
CA HIS B 35 28.01 -8.85 15.40
C HIS B 35 28.48 -7.98 16.55
N ARG B 36 29.06 -6.81 16.20
CA ARG B 36 29.41 -5.79 17.20
C ARG B 36 28.13 -5.45 17.93
N HIS B 37 28.28 -5.06 19.18
CA HIS B 37 27.12 -4.89 20.03
C HIS B 37 27.30 -3.80 21.08
N ASP B 38 27.87 -2.69 20.61
CA ASP B 38 28.21 -1.53 21.43
C ASP B 38 27.53 -0.29 20.86
N PHE B 39 26.39 -0.47 20.23
CA PHE B 39 25.65 0.71 19.78
C PHE B 39 25.24 1.54 20.96
N THR B 40 25.20 2.85 20.73
CA THR B 40 24.70 3.84 21.72
C THR B 40 23.23 4.23 21.49
N VAL B 41 22.65 4.91 22.47
CA VAL B 41 21.29 5.44 22.32
C VAL B 41 21.26 6.36 21.10
N GLU B 42 22.28 7.20 20.94
CA GLU B 42 22.32 8.10 19.80
C GLU B 42 22.32 7.33 18.47
N ASP B 43 23.06 6.21 18.41
CA ASP B 43 22.98 5.31 17.22
C ASP B 43 21.56 4.85 16.95
N ILE B 44 20.86 4.41 18.02
CA ILE B 44 19.48 3.93 17.90
C ILE B 44 18.53 4.98 17.33
N LYS B 45 18.76 6.23 17.70
CA LYS B 45 17.96 7.37 17.21
C LYS B 45 18.16 7.57 15.70
N ASN B 46 19.25 7.02 15.18
CA ASN B 46 19.54 7.04 13.70
C ASN B 46 19.02 5.79 13.00
N PHE B 47 18.67 4.76 13.74
CA PHE B 47 18.24 3.50 13.18
C PHE B 47 16.72 3.36 13.07
N PHE B 48 16.04 3.67 14.15
CA PHE B 48 14.60 3.52 14.28
C PHE B 48 13.85 4.73 13.69
N GLY B 49 12.55 4.55 13.55
CA GLY B 49 11.62 5.55 12.97
C GLY B 49 10.87 5.08 11.73
N SER B 50 11.48 4.17 10.98
CA SER B 50 10.83 3.61 9.80
C SER B 50 10.51 2.11 9.90
N GLY B 51 10.31 1.68 11.15
CA GLY B 51 10.01 0.29 11.44
C GLY B 51 11.23 -0.60 11.63
N VAL B 52 11.01 -1.78 12.20
CA VAL B 52 12.10 -2.65 12.59
C VAL B 52 13.00 -3.17 11.47
N VAL B 53 12.47 -3.39 10.26
CA VAL B 53 13.25 -3.96 9.20
C VAL B 53 14.27 -2.90 8.72
N VAL B 54 13.75 -1.68 8.51
CA VAL B 54 14.67 -0.56 8.17
C VAL B 54 15.73 -0.31 9.26
N ALA B 55 15.32 -0.39 10.52
CA ALA B 55 16.24 -0.23 11.65
C ALA B 55 17.41 -1.24 11.63
N VAL B 56 17.06 -2.52 11.55
CA VAL B 56 18.09 -3.55 11.45
C VAL B 56 19.00 -3.41 10.21
N THR B 57 18.40 -3.02 9.07
CA THR B 57 19.14 -2.83 7.86
C THR B 57 20.13 -1.70 8.07
N ARG B 58 19.67 -0.58 8.63
CA ARG B 58 20.55 0.57 8.94
C ARG B 58 21.70 0.20 9.88
N ALA B 59 21.36 -0.53 10.94
CA ALA B 59 22.34 -0.92 11.97
C ALA B 59 23.47 -1.83 11.36
N LEU B 60 23.05 -2.79 10.57
CA LEU B 60 23.98 -3.62 9.83
C LEU B 60 24.86 -2.79 8.86
N ALA B 61 24.24 -1.86 8.13
CA ALA B 61 24.99 -0.97 7.24
C ALA B 61 26.00 -0.16 8.01
N TYR B 62 25.59 0.37 9.16
CA TYR B 62 26.46 1.21 9.98
C TYR B 62 27.68 0.39 10.43
N GLU B 63 27.42 -0.81 10.91
CA GLU B 63 28.48 -1.74 11.27
C GLU B 63 29.43 -1.95 10.08
N ALA B 64 28.87 -2.05 8.89
CA ALA B 64 29.62 -2.20 7.64
C ALA B 64 30.38 -0.93 7.15
N GLY B 65 30.26 0.21 7.80
CA GLY B 65 30.95 1.42 7.35
C GLY B 65 30.10 2.50 6.71
N SER B 66 28.79 2.31 6.59
CA SER B 66 27.91 3.36 6.04
C SER B 66 27.87 4.58 6.98
N SER B 67 27.82 5.78 6.40
CA SER B 67 27.68 7.00 7.20
C SER B 67 26.27 7.13 7.81
N ARG B 68 26.14 7.87 8.91
CA ARG B 68 24.81 8.27 9.40
C ARG B 68 24.03 9.07 8.38
N GLU B 69 24.71 9.88 7.56
CA GLU B 69 24.01 10.62 6.54
C GLU B 69 23.30 9.65 5.57
N SER B 70 24.02 8.61 5.13
N SER B 70 24.03 8.61 5.14
CA SER B 70 23.48 7.66 4.17
CA SER B 70 23.51 7.63 4.17
C SER B 70 22.29 6.91 4.73
C SER B 70 22.35 6.81 4.73
N LEU B 71 22.28 6.68 6.05
CA LEU B 71 21.20 5.89 6.65
C LEU B 71 19.83 6.53 6.50
N VAL B 72 19.76 7.85 6.39
CA VAL B 72 18.47 8.57 6.31
C VAL B 72 17.62 8.02 5.16
N ALA B 73 18.25 7.78 4.04
CA ALA B 73 17.49 7.30 2.88
C ALA B 73 17.12 5.84 2.87
N PHE B 74 17.57 5.05 3.83
CA PHE B 74 17.17 3.64 3.88
C PHE B 74 15.64 3.60 4.06
N GLY B 75 15.03 2.63 3.36
CA GLY B 75 13.57 2.49 3.30
C GLY B 75 12.90 3.29 2.21
N THR B 76 13.70 3.88 1.34
CA THR B 76 13.26 4.66 0.20
C THR B 76 14.02 4.27 -1.04
N LYS B 77 13.56 4.79 -2.17
CA LYS B 77 14.20 4.59 -3.45
C LYS B 77 15.67 5.05 -3.56
N ASP B 78 16.10 5.95 -2.67
CA ASP B 78 17.43 6.54 -2.73
C ASP B 78 18.44 5.83 -1.82
N GLU B 79 18.02 4.72 -1.23
CA GLU B 79 18.90 4.00 -0.28
C GLU B 79 20.11 3.40 -1.00
N GLN B 80 21.26 3.47 -0.35
CA GLN B 80 22.51 2.90 -0.86
C GLN B 80 22.99 1.86 0.16
N ILE B 81 22.57 0.62 -0.07
CA ILE B 81 22.77 -0.42 0.93
C ILE B 81 24.02 -1.22 0.55
N PRO B 82 24.96 -1.35 1.51
CA PRO B 82 26.17 -2.14 1.21
C PRO B 82 25.83 -3.58 0.82
N GLU B 83 26.57 -4.17 -0.11
CA GLU B 83 26.27 -5.56 -0.49
C GLU B 83 26.35 -6.59 0.64
N ALA B 84 27.15 -6.31 1.67
CA ALA B 84 27.24 -7.18 2.83
C ALA B 84 25.93 -7.30 3.62
N VAL B 85 25.07 -6.27 3.49
CA VAL B 85 23.81 -6.21 4.20
C VAL B 85 22.80 -6.94 3.35
N THR B 86 22.54 -8.18 3.75
CA THR B 86 21.66 -9.06 3.02
C THR B 86 20.33 -9.29 3.74
N GLN B 87 19.34 -9.73 2.96
CA GLN B 87 18.08 -10.18 3.51
C GLN B 87 18.30 -11.29 4.55
N THR B 88 19.19 -12.21 4.27
CA THR B 88 19.55 -13.28 5.19
C THR B 88 19.98 -12.79 6.54
N GLU B 89 20.91 -11.84 6.55
CA GLU B 89 21.42 -11.34 7.81
C GLU B 89 20.42 -10.43 8.53
N VAL B 90 19.63 -9.64 7.78
CA VAL B 90 18.59 -8.84 8.40
C VAL B 90 17.60 -9.78 9.09
N ASN B 91 17.20 -10.84 8.38
CA ASN B 91 16.27 -11.78 8.98
C ASN B 91 16.84 -12.51 10.19
N ARG B 92 18.10 -12.91 10.13
CA ARG B 92 18.71 -13.57 11.27
C ARG B 92 18.63 -12.69 12.53
N VAL B 93 18.91 -11.39 12.35
CA VAL B 93 18.85 -10.47 13.46
C VAL B 93 17.39 -10.29 13.97
N LEU B 94 16.46 -10.13 13.02
CA LEU B 94 15.05 -9.89 13.38
C LEU B 94 14.48 -11.04 14.20
N GLU B 95 14.85 -12.24 13.85
CA GLU B 95 14.36 -13.42 14.53
C GLU B 95 14.71 -13.47 16.03
N VAL B 96 15.82 -12.84 16.37
CA VAL B 96 16.23 -12.74 17.75
C VAL B 96 15.63 -11.47 18.37
N PHE B 97 15.75 -10.37 17.63
CA PHE B 97 15.34 -9.08 18.13
C PHE B 97 13.84 -9.00 18.43
N LYS B 98 13.01 -9.41 17.47
CA LYS B 98 11.54 -9.25 17.66
C LYS B 98 10.98 -9.86 19.00
N PRO B 99 11.22 -11.16 19.26
CA PRO B 99 10.71 -11.69 20.55
C PRO B 99 11.39 -11.09 21.79
N TYR B 100 12.67 -10.75 21.68
CA TYR B 100 13.40 -10.25 22.82
C TYR B 100 12.85 -8.89 23.19
N TYR B 101 12.79 -7.98 22.21
CA TYR B 101 12.31 -6.63 22.48
C TYR B 101 10.87 -6.66 23.05
N ALA B 102 10.02 -7.54 22.49
CA ALA B 102 8.67 -7.64 23.00
C ALA B 102 8.62 -7.93 24.51
N ASP B 103 9.53 -8.77 25.01
CA ASP B 103 9.57 -9.21 26.40
C ASP B 103 10.41 -8.26 27.25
N HIS B 104 11.02 -7.25 26.65
CA HIS B 104 11.94 -6.33 27.37
C HIS B 104 11.79 -4.84 26.94
N CYS B 105 10.56 -4.42 26.68
CA CYS B 105 10.26 -3.06 26.24
C CYS B 105 9.64 -2.21 27.30
N GLN B 106 9.55 -2.69 28.54
CA GLN B 106 8.99 -1.91 29.63
C GLN B 106 9.95 -1.98 30.82
N ILE B 107 11.23 -1.77 30.56
CA ILE B 107 12.22 -1.72 31.63
C ILE B 107 12.55 -0.26 31.94
N LYS B 108 13.21 0.45 31.03
CA LYS B 108 13.47 1.86 31.20
C LYS B 108 12.34 2.73 30.62
N THR B 109 11.59 2.18 29.68
CA THR B 109 10.68 2.95 28.87
C THR B 109 9.57 3.59 29.73
N GLY B 110 9.29 4.86 29.44
CA GLY B 110 8.20 5.58 30.03
C GLY B 110 7.82 6.78 29.17
N PRO B 111 6.76 7.50 29.60
CA PRO B 111 6.36 8.70 28.87
C PRO B 111 7.43 9.76 29.02
N PHE B 112 7.58 10.64 28.05
CA PHE B 112 8.40 11.82 28.28
C PHE B 112 7.80 12.73 29.37
N PRO B 113 8.65 13.41 30.11
CA PRO B 113 8.10 14.38 31.08
C PRO B 113 7.11 15.40 30.43
N GLY B 114 6.03 15.69 31.18
CA GLY B 114 4.98 16.62 30.74
C GLY B 114 3.90 16.03 29.81
N ILE B 115 4.17 14.88 29.19
CA ILE B 115 3.27 14.35 28.17
C ILE B 115 1.90 13.88 28.76
N LEU B 116 1.92 13.26 29.95
CA LEU B 116 0.65 12.81 30.55
C LEU B 116 -0.24 14.01 30.88
N ASP B 117 0.37 15.06 31.45
CA ASP B 117 -0.31 16.33 31.74
C ASP B 117 -0.84 16.97 30.45
N LEU B 118 -0.02 16.99 29.41
CA LEU B 118 -0.44 17.51 28.10
C LEU B 118 -1.73 16.86 27.64
N MSE B 119 -1.76 15.55 27.69
CA MSE B 119 -2.95 14.84 27.20
C MSE B 119 -4.16 15.15 28.06
O MSE B 119 -5.25 15.30 27.54
CB MSE B 119 -2.76 13.35 27.11
CG MSE B 119 -1.63 12.91 26.19
SE MSE B 119 -1.65 13.77 24.40
CE MSE B 119 0.10 13.15 23.83
N LYS B 120 -3.96 15.19 29.37
CA LYS B 120 -5.05 15.54 30.29
C LYS B 120 -5.65 16.92 29.93
N ASN B 121 -4.76 17.88 29.75
CA ASN B 121 -5.13 19.24 29.43
C ASN B 121 -5.85 19.35 28.11
N LEU B 122 -5.33 18.70 27.08
CA LEU B 122 -5.98 18.73 25.75
C LEU B 122 -7.41 18.13 25.82
N ARG B 123 -7.57 17.02 26.53
CA ARG B 123 -8.86 16.39 26.65
C ARG B 123 -9.83 17.32 27.38
N GLN B 124 -9.35 18.01 28.42
CA GLN B 124 -10.22 18.92 29.21
C GLN B 124 -10.76 20.00 28.30
N LYS B 125 -9.92 20.44 27.37
CA LYS B 125 -10.24 21.47 26.37
C LYS B 125 -11.01 20.94 25.12
N GLY B 126 -11.37 19.66 25.11
CA GLY B 126 -12.23 19.10 24.07
C GLY B 126 -11.55 18.56 22.80
N VAL B 127 -10.21 18.60 22.76
CA VAL B 127 -9.42 18.10 21.64
C VAL B 127 -9.43 16.56 21.67
N LYS B 128 -9.80 15.97 20.55
CA LYS B 128 -9.76 14.52 20.36
C LYS B 128 -8.31 14.08 20.14
N LEU B 129 -7.96 12.88 20.65
CA LEU B 129 -6.58 12.49 20.76
C LEU B 129 -6.33 11.07 20.25
N ALA B 130 -5.31 10.93 19.42
CA ALA B 130 -4.93 9.62 18.92
C ALA B 130 -3.40 9.47 18.88
N VAL B 131 -2.95 8.23 18.96
CA VAL B 131 -1.53 7.91 18.78
C VAL B 131 -1.41 6.83 17.71
N VAL B 132 -0.43 7.01 16.85
CA VAL B 132 -0.12 6.06 15.77
C VAL B 132 1.38 5.73 15.77
N SER B 133 1.72 4.52 15.34
CA SER B 133 3.09 4.05 15.45
C SER B 133 3.46 3.04 14.42
N ASN B 134 4.73 3.03 14.03
CA ASN B 134 5.32 1.99 13.18
C ASN B 134 5.70 0.71 13.93
N LYS B 135 5.14 0.50 15.12
CA LYS B 135 5.19 -0.79 15.82
C LYS B 135 3.94 -1.62 15.50
N PRO B 136 3.97 -2.97 15.70
CA PRO B 136 2.74 -3.74 15.56
C PRO B 136 1.62 -3.20 16.41
N ASN B 137 0.43 -3.18 15.85
CA ASN B 137 -0.73 -2.74 16.57
C ASN B 137 -0.88 -3.37 17.96
N GLU B 138 -0.64 -4.68 18.08
CA GLU B 138 -0.71 -5.39 19.37
C GLU B 138 0.14 -4.71 20.44
N ALA B 139 1.35 -4.33 20.02
CA ALA B 139 2.32 -3.70 20.90
C ALA B 139 1.84 -2.29 21.31
N VAL B 140 1.26 -1.55 20.36
CA VAL B 140 0.77 -0.22 20.63
C VAL B 140 -0.31 -0.33 21.67
N GLN B 141 -1.23 -1.28 21.51
CA GLN B 141 -2.33 -1.38 22.46
C GLN B 141 -1.88 -1.69 23.87
N VAL B 142 -0.88 -2.57 24.00
CA VAL B 142 -0.37 -2.94 25.32
C VAL B 142 0.32 -1.73 26.02
N LEU B 143 1.14 -1.02 25.25
CA LEU B 143 1.88 0.11 25.79
C LEU B 143 0.96 1.29 26.12
N VAL B 144 -0.03 1.55 25.28
CA VAL B 144 -1.00 2.58 25.60
C VAL B 144 -1.77 2.26 26.88
N GLU B 145 -2.19 1.01 27.05
CA GLU B 145 -3.03 0.67 28.20
C GLU B 145 -2.19 0.73 29.51
N GLU B 146 -0.93 0.31 29.43
CA GLU B 146 -0.06 0.36 30.59
C GLU B 146 0.48 1.76 30.95
N LEU B 147 0.90 2.52 29.96
CA LEU B 147 1.63 3.75 30.20
C LEU B 147 0.80 5.02 29.95
N PHE B 148 -0.29 4.91 29.17
CA PHE B 148 -1.15 6.08 28.88
C PHE B 148 -2.62 5.75 29.07
N PRO B 149 -2.93 5.14 30.20
CA PRO B 149 -4.33 4.72 30.35
C PRO B 149 -5.29 5.93 30.37
N GLY B 150 -6.26 5.92 29.47
CA GLY B 150 -7.21 7.00 29.39
C GLY B 150 -6.77 8.25 28.65
N SER B 151 -5.53 8.26 28.16
CA SER B 151 -4.99 9.49 27.57
C SER B 151 -5.57 9.69 26.17
N PHE B 152 -5.78 8.58 25.44
CA PHE B 152 -6.11 8.65 24.03
C PHE B 152 -7.51 8.11 23.73
N ASP B 153 -8.11 8.70 22.71
CA ASP B 153 -9.42 8.25 22.20
C ASP B 153 -9.25 7.11 21.17
N PHE B 154 -8.10 7.05 20.51
CA PHE B 154 -7.81 6.04 19.52
C PHE B 154 -6.31 5.79 19.46
N ALA B 155 -5.93 4.52 19.26
CA ALA B 155 -4.53 4.13 19.13
C ALA B 155 -4.43 3.11 18.01
N LEU B 156 -3.38 3.20 17.21
CA LEU B 156 -3.21 2.28 16.10
C LEU B 156 -1.76 2.05 15.73
N GLY B 157 -1.38 0.80 15.47
CA GLY B 157 -0.11 0.49 14.81
C GLY B 157 -0.27 -0.38 13.57
N GLU B 158 0.87 -0.86 13.06
CA GLU B 158 0.87 -1.62 11.80
C GLU B 158 0.11 -2.92 11.96
N LYS B 159 -0.71 -3.26 10.97
CA LYS B 159 -1.49 -4.50 11.02
C LYS B 159 -1.97 -4.79 9.59
N SER B 160 -2.64 -5.94 9.37
CA SER B 160 -3.16 -6.25 8.05
C SER B 160 -3.96 -5.06 7.52
N GLY B 161 -3.67 -4.66 6.28
CA GLY B 161 -4.36 -3.55 5.68
C GLY B 161 -3.87 -2.15 6.06
N ILE B 162 -2.91 -2.07 6.98
CA ILE B 162 -2.42 -0.80 7.52
C ILE B 162 -0.89 -0.76 7.47
N ARG B 163 -0.33 -0.11 6.46
CA ARG B 163 1.11 -0.10 6.33
CA ARG B 163 1.13 -0.09 6.36
C ARG B 163 1.76 1.05 7.06
N ARG B 164 3.08 0.95 7.16
CA ARG B 164 3.82 1.89 7.97
C ARG B 164 3.78 3.33 7.46
N LYS B 165 3.89 4.25 8.43
CA LYS B 165 4.14 5.63 8.10
C LYS B 165 5.44 5.67 7.35
N PRO B 166 5.52 6.60 6.36
CA PRO B 166 4.63 7.73 6.07
C PRO B 166 3.44 7.52 5.14
N ALA B 167 3.07 6.27 4.87
CA ALA B 167 1.79 6.01 4.20
C ALA B 167 0.70 6.60 5.06
N PRO B 168 -0.35 7.13 4.40
CA PRO B 168 -1.43 7.80 5.15
C PRO B 168 -2.45 6.86 5.79
N ASP B 169 -2.19 5.55 5.76
CA ASP B 169 -3.20 4.59 6.27
C ASP B 169 -3.61 4.88 7.74
N MSE B 170 -2.63 5.07 8.63
CA MSE B 170 -2.97 5.20 10.04
C MSE B 170 -3.72 6.49 10.36
O MSE B 170 -4.71 6.49 11.07
CB MSE B 170 -1.72 5.04 10.89
CG MSE B 170 -1.18 3.62 10.88
SE MSE B 170 0.30 3.43 12.13
CE MSE B 170 1.43 2.46 10.92
N THR B 171 -3.26 7.61 9.82
CA THR B 171 -3.88 8.89 10.08
C THR B 171 -5.25 8.92 9.44
N SER B 172 -5.40 8.25 8.29
CA SER B 172 -6.73 8.09 7.69
C SER B 172 -7.71 7.36 8.62
N GLU B 173 -7.26 6.32 9.31
CA GLU B 173 -8.16 5.66 10.27
C GLU B 173 -8.52 6.59 11.41
N CYS B 174 -7.57 7.42 11.84
CA CYS B 174 -7.82 8.32 12.93
C CYS B 174 -8.91 9.32 12.55
N VAL B 175 -8.83 9.84 11.32
CA VAL B 175 -9.81 10.83 10.85
C VAL B 175 -11.20 10.18 10.86
N LYS B 176 -11.26 8.96 10.37
CA LYS B 176 -12.52 8.21 10.36
C LYS B 176 -13.08 7.97 11.77
N VAL B 177 -12.25 7.52 12.68
CA VAL B 177 -12.70 7.14 14.01
C VAL B 177 -12.97 8.33 14.88
N LEU B 178 -12.12 9.37 14.80
CA LEU B 178 -12.29 10.54 15.67
C LEU B 178 -13.46 11.40 15.21
N GLY B 179 -13.80 11.31 13.92
CA GLY B 179 -14.95 12.00 13.36
C GLY B 179 -14.72 13.49 13.24
N VAL B 180 -13.46 13.86 13.07
CA VAL B 180 -13.05 15.26 12.97
C VAL B 180 -12.57 15.50 11.54
N PRO B 181 -13.02 16.58 10.90
CA PRO B 181 -12.51 16.75 9.57
C PRO B 181 -11.00 16.84 9.53
N ARG B 182 -10.44 16.29 8.48
CA ARG B 182 -9.03 16.34 8.25
C ARG B 182 -8.38 17.75 8.42
N ASP B 183 -9.04 18.78 7.94
CA ASP B 183 -8.51 20.17 8.04
C ASP B 183 -8.59 20.81 9.44
N LYS B 184 -9.10 20.06 10.42
CA LYS B 184 -9.09 20.43 11.83
C LYS B 184 -8.19 19.54 12.69
N CYS B 185 -7.39 18.72 12.03
CA CYS B 185 -6.41 17.83 12.66
C CYS B 185 -5.00 18.39 12.52
N VAL B 186 -4.21 18.13 13.54
CA VAL B 186 -2.78 18.38 13.50
C VAL B 186 -2.06 17.09 13.85
N TYR B 187 -0.92 16.88 13.21
CA TYR B 187 -0.08 15.73 13.43
C TYR B 187 1.24 16.15 14.06
N ILE B 188 1.67 15.38 15.07
CA ILE B 188 2.81 15.73 15.94
C ILE B 188 3.81 14.56 15.96
N GLY B 189 5.06 14.89 15.71
CA GLY B 189 6.12 13.88 15.81
C GLY B 189 7.52 14.47 15.83
N ASP B 190 8.47 13.55 15.93
CA ASP B 190 9.88 13.94 16.18
C ASP B 190 10.85 13.77 15.00
N SER B 191 10.37 13.28 13.86
CA SER B 191 11.29 12.95 12.78
C SER B 191 10.82 13.40 11.42
N GLU B 192 11.65 13.11 10.41
CA GLU B 192 11.31 13.41 9.03
C GLU B 192 10.18 12.53 8.56
N ILE B 193 10.03 11.35 9.18
CA ILE B 193 8.91 10.44 8.85
C ILE B 193 7.63 11.13 9.25
N ASP B 194 7.69 11.86 10.33
CA ASP B 194 6.52 12.58 10.79
C ASP B 194 6.15 13.79 9.94
N ILE B 195 7.15 14.49 9.48
CA ILE B 195 6.92 15.59 8.55
C ILE B 195 6.23 15.03 7.31
N GLN B 196 6.76 13.93 6.77
CA GLN B 196 6.20 13.31 5.58
C GLN B 196 4.82 12.73 5.78
N THR B 197 4.61 12.06 6.93
CA THR B 197 3.26 11.60 7.29
C THR B 197 2.22 12.72 7.27
N ALA B 198 2.55 13.86 7.86
CA ALA B 198 1.58 15.01 7.93
C ALA B 198 1.26 15.47 6.49
N ARG B 199 2.32 15.60 5.70
CA ARG B 199 2.17 15.99 4.30
C ARG B 199 1.26 15.02 3.55
N ASN B 200 1.55 13.72 3.69
CA ASN B 200 0.79 12.68 3.00
C ASN B 200 -0.63 12.60 3.51
N SER B 201 -0.86 13.10 4.71
CA SER B 201 -2.20 13.16 5.32
C SER B 201 -2.96 14.49 5.13
N GLU B 202 -2.31 15.41 4.42
CA GLU B 202 -2.91 16.73 4.15
C GLU B 202 -3.35 17.45 5.48
N MSE B 203 -2.43 17.41 6.44
CA MSE B 203 -2.58 17.99 7.79
C MSE B 203 -1.38 18.84 8.14
O MSE B 203 -0.24 18.51 7.76
CB MSE B 203 -2.58 16.91 8.87
CG MSE B 203 -3.77 16.08 8.87
SE MSE B 203 -3.47 14.71 10.21
CE MSE B 203 -5.02 13.73 9.59
N ASP B 204 -1.64 19.86 8.94
CA ASP B 204 -0.57 20.64 9.56
C ASP B 204 0.27 19.68 10.46
N GLU B 205 1.53 20.03 10.65
CA GLU B 205 2.43 19.27 11.49
C GLU B 205 3.10 20.19 12.50
N ILE B 206 3.33 19.60 13.65
CA ILE B 206 4.14 20.21 14.70
C ILE B 206 5.27 19.24 15.00
N ALA B 207 6.49 19.72 14.95
CA ALA B 207 7.62 18.88 15.18
C ALA B 207 8.11 19.12 16.60
N VAL B 208 8.61 18.06 17.25
CA VAL B 208 9.19 18.14 18.59
C VAL B 208 10.69 17.73 18.52
N ASN B 209 11.51 18.32 19.40
CA ASN B 209 12.96 18.06 19.40
C ASN B 209 13.53 17.14 20.50
N TRP B 210 12.65 16.51 21.27
CA TRP B 210 13.10 15.65 22.34
C TRP B 210 13.20 14.16 21.93
N GLY B 211 12.94 13.88 20.67
CA GLY B 211 12.97 12.55 20.15
C GLY B 211 14.24 12.31 19.35
N PHE B 212 14.03 11.72 18.18
CA PHE B 212 15.17 11.13 17.46
C PHE B 212 15.99 12.09 16.57
N ARG B 213 15.42 13.27 16.26
CA ARG B 213 16.09 14.21 15.35
C ARG B 213 16.26 15.59 15.99
N SER B 214 17.31 16.28 15.57
CA SER B 214 17.59 17.63 16.08
C SER B 214 16.78 18.70 15.37
N VAL B 215 16.73 19.89 15.96
CA VAL B 215 16.08 21.03 15.32
C VAL B 215 16.68 21.32 13.94
N PRO B 216 18.01 21.43 13.84
CA PRO B 216 18.55 21.67 12.50
C PRO B 216 18.19 20.61 11.46
N PHE B 217 18.17 19.34 11.85
CA PHE B 217 17.67 18.28 10.97
C PHE B 217 16.21 18.49 10.54
N LEU B 218 15.33 18.80 11.49
CA LEU B 218 13.91 19.00 11.21
C LEU B 218 13.71 20.23 10.33
N GLN B 219 14.51 21.26 10.53
CA GLN B 219 14.46 22.44 9.65
C GLN B 219 14.85 22.06 8.22
N LYS B 220 15.95 21.30 8.09
CA LYS B 220 16.47 20.82 6.79
C LYS B 220 15.38 20.04 6.03
N HIS B 221 14.57 19.31 6.79
CA HIS B 221 13.55 18.42 6.21
C HIS B 221 12.18 19.08 6.10
N GLY B 222 12.11 20.37 6.37
CA GLY B 222 10.94 21.18 5.98
C GLY B 222 9.92 21.51 7.05
N ALA B 223 10.22 21.22 8.32
CA ALA B 223 9.30 21.52 9.41
C ALA B 223 9.11 23.04 9.51
N THR B 224 7.89 23.54 9.75
CA THR B 224 7.71 24.98 9.95
C THR B 224 7.36 25.39 11.40
N VAL B 225 6.89 24.45 12.24
CA VAL B 225 6.59 24.72 13.64
C VAL B 225 7.35 23.66 14.43
N ILE B 226 8.33 24.06 15.23
CA ILE B 226 9.15 23.11 16.01
C ILE B 226 9.15 23.59 17.44
N VAL B 227 8.82 22.67 18.37
CA VAL B 227 8.74 23.02 19.79
C VAL B 227 9.70 22.19 20.62
N ASP B 228 10.11 22.71 21.78
CA ASP B 228 11.07 22.01 22.63
C ASP B 228 10.60 21.75 24.06
N THR B 229 9.34 22.07 24.36
CA THR B 229 8.73 21.65 25.63
C THR B 229 7.27 21.20 25.42
N ALA B 230 6.76 20.42 26.37
CA ALA B 230 5.35 19.96 26.35
C ALA B 230 4.39 21.15 26.46
N GLU B 231 4.81 22.16 27.20
CA GLU B 231 4.01 23.37 27.42
C GLU B 231 3.84 24.11 26.08
N LYS B 232 4.95 24.20 25.34
CA LYS B 232 4.90 24.88 24.04
C LYS B 232 4.09 24.06 23.09
N LEU B 233 4.18 22.74 23.19
CA LEU B 233 3.39 21.88 22.32
C LEU B 233 1.89 22.08 22.61
N GLU B 234 1.50 22.17 23.88
CA GLU B 234 0.13 22.45 24.24
C GLU B 234 -0.39 23.75 23.63
N GLU B 235 0.41 24.83 23.75
CA GLU B 235 0.10 26.15 23.21
C GLU B 235 -0.10 26.06 21.69
N ALA B 236 0.78 25.33 21.02
CA ALA B 236 0.74 25.23 19.55
C ALA B 236 -0.54 24.46 19.08
N ILE B 237 -0.98 23.48 19.86
CA ILE B 237 -2.15 22.68 19.47
C ILE B 237 -3.46 23.47 19.77
N LEU B 238 -3.46 24.20 20.87
CA LEU B 238 -4.63 25.00 21.28
C LEU B 238 -4.78 26.34 20.55
N GLY B 239 -3.68 26.85 20.01
CA GLY B 239 -3.74 28.01 19.11
C GLY B 239 -2.89 29.23 19.47
N GLU B 240 -1.95 29.07 20.39
CA GLU B 240 -0.92 30.10 20.67
C GLU B 240 0.42 29.58 20.12
NA NA C . -8.26 -4.31 -16.00
CL CL D . -12.26 -9.61 -15.89
C ACT E . -17.98 8.64 -10.44
O ACT E . -18.02 7.40 -10.28
OXT ACT E . -17.48 9.01 -11.52
CH3 ACT E . -18.50 9.63 -9.43
C ACT F . 8.82 -12.43 -0.18
O ACT F . 9.36 -13.05 -1.14
OXT ACT F . 9.57 -11.99 0.70
CH3 ACT F . 7.33 -12.22 -0.10
C ACT G . -20.26 3.48 -13.54
O ACT G . -21.18 3.65 -12.72
OXT ACT G . -20.60 3.45 -14.74
CH3 ACT G . -18.83 3.31 -13.10
C1 EDO H . -23.38 -11.12 -32.48
O1 EDO H . -22.99 -11.81 -33.66
C2 EDO H . -23.36 -9.63 -32.81
O2 EDO H . -24.37 -9.25 -33.76
C1 EDO I . -1.11 4.32 -23.16
O1 EDO I . -1.26 4.29 -24.58
C2 EDO I . -0.89 5.77 -22.85
O2 EDO I . 0.49 6.01 -23.12
C1 EDO J . -21.85 -14.19 -9.10
O1 EDO J . -20.45 -14.47 -9.13
C2 EDO J . -22.01 -12.71 -8.81
O2 EDO J . -21.04 -12.38 -7.82
C1 EDO K . 6.98 4.84 -23.36
O1 EDO K . 7.80 5.49 -24.33
C2 EDO K . 7.87 4.26 -22.28
O2 EDO K . 8.45 5.29 -21.48
C1 EDO L . 8.91 -20.88 -2.92
O1 EDO L . 8.16 -20.89 -4.13
C2 EDO L . 10.31 -20.39 -3.20
O2 EDO L . 10.30 -18.96 -3.08
NA NA M . 9.11 8.81 16.31
CL CL N . 10.44 2.33 14.21
CL CL O . -5.15 5.74 26.05
C ACT P . -4.93 11.86 1.97
O ACT P . -4.01 12.35 1.28
OXT ACT P . -5.60 12.68 2.63
CH3 ACT P . -5.21 10.39 1.96
C ACT Q . -12.09 5.76 23.51
O ACT Q . -12.37 6.10 24.69
OXT ACT Q . -12.67 6.42 22.66
CH3 ACT Q . -11.15 4.66 23.11
C1 EDO R . 2.39 24.18 10.60
O1 EDO R . 1.84 23.39 11.69
C2 EDO R . 1.99 23.69 9.18
O2 EDO R . 2.45 22.34 8.87
C1 EDO S . 25.76 -5.83 25.27
O1 EDO S . 27.06 -6.24 25.74
C2 EDO S . 24.98 -6.93 24.55
O2 EDO S . 24.68 -7.96 25.49
C1 EDO T . 9.53 16.36 26.64
O1 EDO T . 9.74 15.83 27.93
C2 EDO T . 8.47 17.46 26.62
O2 EDO T . 8.86 18.57 27.44
C1 EDO U . 1.99 20.10 30.54
O1 EDO U . 3.12 19.26 30.43
C2 EDO U . 1.71 20.58 29.13
O2 EDO U . 1.31 21.91 29.30
C1 EDO V . 3.53 7.38 0.64
O1 EDO V . 2.40 6.51 0.65
C2 EDO V . 4.51 6.94 1.71
O2 EDO V . 5.27 5.81 1.25
C1 EDO W . 14.77 -2.05 4.23
O1 EDO W . 14.08 -3.08 3.51
C2 EDO W . 15.38 -1.06 3.26
O2 EDO W . 14.48 -0.80 2.17
C1 EDO X . 10.33 -2.13 17.32
O1 EDO X . 9.19 -2.70 16.63
C2 EDO X . 10.41 -0.62 17.10
O2 EDO X . 10.18 -0.36 15.70
C1 EDO Y . -14.00 8.83 22.57
O1 EDO Y . -13.20 8.72 23.76
C2 EDO Y . -14.61 10.22 22.39
O2 EDO Y . -15.14 10.71 23.63
C1 EDO Z . 19.31 12.89 18.08
O1 EDO Z . 20.71 13.10 18.29
C2 EDO Z . 18.46 13.80 18.93
O2 EDO Z . 18.86 15.17 18.77
#